data_9FEI
#
_entry.id   9FEI
#
_cell.length_a   27.843
_cell.length_b   50.031
_cell.length_c   72.277
_cell.angle_alpha   90.00
_cell.angle_beta   98.91
_cell.angle_gamma   90.00
#
_symmetry.space_group_name_H-M   'P 1 21 1'
#
loop_
_entity.id
_entity.type
_entity.pdbx_description
1 polymer 'Defoliating protein: protein D'
2 non-polymer '4-(2-HYDROXYETHYL)-1-PIPERAZINE ETHANESULFONIC ACID'
3 non-polymer 'MERCURY (II) ION'
4 water water
#
_entity_poly.entity_id   1
_entity_poly.type   'polypeptide(L)'
_entity_poly.pdbx_seq_one_letter_code
;MGSSHHHHHHSSGLVPRGSHMIPQSDTDTDLTEQTTDAAPDLTQLVIGQTIGPLIVDAIDEPISEVNITEASDELSDEKV
ILNQPSTRRIFNLVLKDAFAKFVQCPKNIKWGVMMLWNPNEENTAHDALHTKVLETSINLVKKSGTFIEDHLGWKNVGDG
WIDFKANVRLHGDYYNSVTEATSKISVYMGIKGSVHVATKEFIMRGIETGPTVWYNGIRYQMKDGTSIISSWSFDEGQL
;
_entity_poly.pdbx_strand_id   A
#
# COMPACT_ATOMS: atom_id res chain seq x y z
N ALA A 39 -6.03 -0.24 -25.60
CA ALA A 39 -5.01 -0.22 -24.54
C ALA A 39 -3.92 0.78 -24.90
N PRO A 40 -3.64 1.84 -24.10
CA PRO A 40 -2.57 2.76 -24.46
C PRO A 40 -1.20 2.09 -24.26
N ASP A 41 -0.19 2.55 -25.02
CA ASP A 41 1.18 2.10 -24.87
C ASP A 41 1.81 3.05 -23.86
N LEU A 42 2.11 2.53 -22.66
CA LEU A 42 2.68 3.29 -21.58
C LEU A 42 4.13 2.89 -21.32
N THR A 43 4.80 2.27 -22.31
CA THR A 43 6.12 1.71 -22.09
C THR A 43 7.26 2.62 -22.56
N GLN A 44 6.96 3.74 -23.20
CA GLN A 44 8.09 4.55 -23.71
C GLN A 44 7.97 6.01 -23.22
N LEU A 45 7.59 6.27 -21.96
CA LEU A 45 7.25 7.60 -21.48
C LEU A 45 8.44 8.34 -20.91
N VAL A 46 8.32 9.67 -20.92
CA VAL A 46 9.30 10.53 -20.29
C VAL A 46 8.67 11.39 -19.20
N ILE A 47 9.48 11.87 -18.26
CA ILE A 47 9.01 12.79 -17.24
C ILE A 47 8.40 14.02 -17.89
N GLY A 48 7.22 14.44 -17.44
CA GLY A 48 6.60 15.68 -17.89
C GLY A 48 5.63 15.51 -19.04
N GLN A 49 5.62 14.33 -19.67
CA GLN A 49 4.77 14.06 -20.83
C GLN A 49 3.31 14.01 -20.38
N THR A 50 2.41 14.41 -21.25
CA THR A 50 0.99 14.14 -21.12
C THR A 50 0.65 12.88 -21.88
N ILE A 51 -0.14 12.02 -21.27
CA ILE A 51 -0.59 10.80 -21.91
C ILE A 51 -2.04 10.61 -21.48
N GLY A 52 -2.96 10.59 -22.47
CA GLY A 52 -4.38 10.67 -22.19
C GLY A 52 -4.70 11.77 -21.18
N PRO A 53 -5.42 11.45 -20.10
CA PRO A 53 -5.80 12.42 -19.08
C PRO A 53 -4.77 12.67 -17.99
N LEU A 54 -3.56 12.16 -18.18
CA LEU A 54 -2.52 12.09 -17.16
C LEU A 54 -1.27 12.86 -17.57
N ILE A 55 -0.48 13.20 -16.57
CA ILE A 55 0.91 13.57 -16.78
CA ILE A 55 0.90 13.68 -16.64
C ILE A 55 1.80 12.63 -16.00
N VAL A 56 3.01 12.43 -16.55
CA VAL A 56 4.02 11.60 -15.99
C VAL A 56 4.90 12.41 -15.05
N ASP A 57 4.83 12.10 -13.77
CA ASP A 57 5.59 12.82 -12.77
C ASP A 57 6.96 12.18 -12.57
N ALA A 58 7.06 10.87 -12.65
CA ALA A 58 8.33 10.15 -12.47
C ALA A 58 8.28 8.79 -13.12
N ILE A 59 9.48 8.30 -13.52
CA ILE A 59 9.57 7.06 -14.24
C ILE A 59 10.50 6.03 -13.61
N ASP A 60 11.20 6.36 -12.54
CA ASP A 60 12.10 5.41 -11.88
C ASP A 60 11.57 5.07 -10.49
N GLU A 61 10.87 3.94 -10.42
CA GLU A 61 10.27 3.51 -9.16
C GLU A 61 11.36 3.14 -8.15
N PRO A 62 11.23 3.50 -6.86
CA PRO A 62 12.29 3.18 -5.88
C PRO A 62 12.69 1.69 -5.83
N ALA A 71 7.71 -14.07 4.62
CA ALA A 71 7.12 -15.40 4.91
C ALA A 71 7.57 -15.98 6.25
N SER A 72 7.70 -15.16 7.29
CA SER A 72 8.07 -15.66 8.62
C SER A 72 6.93 -16.44 9.26
N ASP A 73 7.26 -17.55 9.91
CA ASP A 73 6.30 -18.36 10.67
C ASP A 73 5.61 -17.57 11.80
N GLU A 74 6.24 -16.50 12.29
CA GLU A 74 5.78 -15.76 13.45
C GLU A 74 4.43 -15.10 13.18
N LEU A 75 4.26 -14.60 11.95
CA LEU A 75 3.06 -13.88 11.54
C LEU A 75 1.83 -14.80 11.47
N SER A 76 2.06 -16.12 11.45
CA SER A 76 0.98 -17.08 11.34
C SER A 76 0.87 -17.93 12.60
N ASP A 77 1.47 -17.47 13.70
CA ASP A 77 1.43 -18.21 14.95
C ASP A 77 0.50 -17.45 15.89
N GLU A 78 -0.67 -18.02 16.22
CA GLU A 78 -1.65 -17.30 17.05
C GLU A 78 -1.08 -17.02 18.44
N LYS A 79 -0.04 -17.75 18.87
CA LYS A 79 0.63 -17.49 20.15
C LYS A 79 1.43 -16.19 20.08
N VAL A 80 2.10 -15.97 18.95
CA VAL A 80 2.82 -14.73 18.76
C VAL A 80 1.84 -13.56 18.65
N ILE A 81 0.73 -13.76 17.92
CA ILE A 81 -0.27 -12.72 17.74
C ILE A 81 -0.87 -12.39 19.11
N LEU A 82 -1.13 -13.41 19.91
CA LEU A 82 -1.62 -13.19 21.27
C LEU A 82 -0.66 -12.36 22.10
N ASN A 83 0.63 -12.67 22.01
CA ASN A 83 1.59 -12.11 22.95
C ASN A 83 2.16 -10.77 22.50
N GLN A 84 1.94 -10.33 21.25
CA GLN A 84 2.58 -9.12 20.75
C GLN A 84 1.54 -8.10 20.31
N PRO A 85 1.87 -6.80 20.38
CA PRO A 85 1.01 -5.76 19.78
C PRO A 85 0.82 -6.04 18.29
N SER A 86 -0.43 -6.06 17.87
CA SER A 86 -0.76 -6.34 16.49
C SER A 86 -2.00 -5.56 16.09
N THR A 87 -2.11 -5.38 14.78
CA THR A 87 -3.27 -4.73 14.19
C THR A 87 -3.56 -5.36 12.83
N ARG A 88 -4.85 -5.53 12.53
CA ARG A 88 -5.33 -6.03 11.25
C ARG A 88 -6.03 -4.86 10.58
N ARG A 89 -5.58 -4.48 9.37
CA ARG A 89 -6.08 -3.29 8.72
C ARG A 89 -6.42 -3.60 7.27
N ILE A 90 -7.27 -2.77 6.67
CA ILE A 90 -7.50 -2.80 5.23
C ILE A 90 -6.94 -1.51 4.66
N PHE A 91 -6.04 -1.64 3.68
CA PHE A 91 -5.66 -0.50 2.84
C PHE A 91 -6.58 -0.49 1.64
N ASN A 92 -7.52 0.47 1.58
CA ASN A 92 -8.55 0.60 0.58
CA ASN A 92 -8.58 0.62 0.60
C ASN A 92 -8.17 1.75 -0.32
N LEU A 93 -7.93 1.45 -1.60
CA LEU A 93 -7.52 2.47 -2.55
C LEU A 93 -8.59 2.61 -3.60
N VAL A 94 -9.03 3.84 -3.86
CA VAL A 94 -9.97 4.14 -4.90
C VAL A 94 -9.34 5.15 -5.85
N LEU A 95 -9.09 4.73 -7.08
CA LEU A 95 -8.52 5.61 -8.08
C LEU A 95 -9.62 6.43 -8.76
N LYS A 96 -9.24 7.59 -9.30
CA LYS A 96 -10.17 8.35 -10.11
C LYS A 96 -10.56 7.58 -11.35
N ASP A 97 -11.82 7.75 -11.79
CA ASP A 97 -12.29 7.06 -12.98
C ASP A 97 -11.45 7.33 -14.21
N ALA A 98 -11.00 8.59 -14.41
CA ALA A 98 -10.34 8.90 -15.66
C ALA A 98 -9.00 8.15 -15.73
N PHE A 99 -8.32 7.98 -14.60
CA PHE A 99 -7.09 7.21 -14.55
C PHE A 99 -7.40 5.74 -14.81
N ALA A 100 -8.34 5.19 -14.05
CA ALA A 100 -8.63 3.77 -14.07
C ALA A 100 -9.03 3.34 -15.46
N LYS A 101 -9.97 4.06 -16.09
CA LYS A 101 -10.43 3.71 -17.42
C LYS A 101 -9.31 3.80 -18.43
N PHE A 102 -8.45 4.83 -18.37
CA PHE A 102 -7.40 5.03 -19.35
C PHE A 102 -6.36 3.95 -19.31
N VAL A 103 -5.83 3.63 -18.14
CA VAL A 103 -4.80 2.61 -18.03
C VAL A 103 -5.40 1.22 -17.97
N GLN A 104 -6.72 1.11 -17.86
CA GLN A 104 -7.41 -0.18 -17.82
C GLN A 104 -7.00 -0.93 -16.57
N CYS A 105 -7.14 -0.31 -15.42
CA CYS A 105 -6.90 -0.93 -14.14
CA CYS A 105 -6.95 -1.01 -14.17
C CYS A 105 -8.14 -0.62 -13.29
N PRO A 106 -8.72 -1.56 -12.56
CA PRO A 106 -9.93 -1.30 -11.81
C PRO A 106 -9.75 -0.21 -10.77
N LYS A 107 -10.88 0.43 -10.53
CA LYS A 107 -10.89 1.60 -9.67
C LYS A 107 -10.60 1.27 -8.21
N ASN A 108 -11.04 0.13 -7.71
CA ASN A 108 -10.96 -0.11 -6.28
C ASN A 108 -10.10 -1.34 -6.04
N ILE A 109 -9.01 -1.14 -5.31
CA ILE A 109 -8.02 -2.17 -4.96
C ILE A 109 -7.93 -2.20 -3.45
N LYS A 110 -7.93 -3.35 -2.81
CA LYS A 110 -7.82 -3.44 -1.35
C LYS A 110 -6.83 -4.54 -0.94
N TRP A 111 -6.06 -4.23 0.07
CA TRP A 111 -5.19 -5.18 0.75
C TRP A 111 -5.63 -5.35 2.20
N GLY A 112 -5.83 -6.59 2.63
CA GLY A 112 -6.10 -6.90 4.02
C GLY A 112 -4.76 -7.30 4.63
N VAL A 113 -4.27 -6.57 5.62
CA VAL A 113 -2.92 -6.74 6.14
C VAL A 113 -2.93 -6.94 7.65
N MET A 114 -1.79 -7.39 8.13
CA MET A 114 -1.50 -7.35 9.56
C MET A 114 -0.13 -6.72 9.80
N MET A 115 -0.01 -5.95 10.88
CA MET A 115 1.27 -5.48 11.37
C MET A 115 1.44 -5.97 12.80
N LEU A 116 2.66 -6.34 13.14
CA LEU A 116 2.94 -6.92 14.44
C LEU A 116 4.26 -6.35 14.93
N TRP A 117 4.34 -6.03 16.21
CA TRP A 117 5.55 -5.47 16.81
C TRP A 117 6.21 -6.56 17.62
N ASN A 118 7.43 -6.95 17.26
CA ASN A 118 8.07 -8.10 17.88
C ASN A 118 9.56 -7.87 17.91
N PRO A 119 10.04 -7.15 18.95
CA PRO A 119 11.45 -7.17 19.39
C PRO A 119 12.27 -8.41 19.01
N ALA A 128 11.77 -5.65 13.77
CA ALA A 128 10.88 -5.15 14.87
C ALA A 128 9.40 -5.04 14.44
N LEU A 129 9.16 -4.28 13.39
CA LEU A 129 7.84 -4.21 12.78
C LEU A 129 7.72 -5.22 11.65
N HIS A 130 6.80 -6.17 11.81
CA HIS A 130 6.56 -7.25 10.88
C HIS A 130 5.24 -6.96 10.16
N THR A 131 5.19 -7.30 8.87
CA THR A 131 4.09 -6.92 8.00
C THR A 131 3.72 -8.10 7.14
N LYS A 132 2.40 -8.26 6.88
CA LYS A 132 1.97 -9.39 6.08
C LYS A 132 0.66 -9.06 5.37
N VAL A 133 0.48 -9.55 4.12
CA VAL A 133 -0.81 -9.50 3.47
C VAL A 133 -1.57 -10.75 3.87
N LEU A 134 -2.76 -10.57 4.40
CA LEU A 134 -3.66 -11.70 4.67
C LEU A 134 -4.54 -12.04 3.47
N GLU A 135 -5.06 -11.02 2.77
CA GLU A 135 -6.06 -11.20 1.73
C GLU A 135 -5.96 -9.98 0.80
N THR A 136 -6.40 -10.12 -0.44
CA THR A 136 -6.56 -8.98 -1.31
C THR A 136 -7.96 -8.98 -1.91
N SER A 137 -8.34 -7.86 -2.46
CA SER A 137 -9.57 -7.77 -3.21
C SER A 137 -9.48 -8.66 -4.43
N ILE A 138 -10.67 -9.01 -4.95
CA ILE A 138 -10.69 -10.09 -5.93
C ILE A 138 -10.14 -9.61 -7.28
N ASN A 139 -9.98 -8.30 -7.46
CA ASN A 139 -9.37 -7.66 -8.62
CA ASN A 139 -9.39 -7.80 -8.70
C ASN A 139 -7.87 -7.96 -8.75
N LEU A 140 -7.17 -8.16 -7.62
CA LEU A 140 -5.73 -8.45 -7.67
C LEU A 140 -5.54 -9.95 -7.91
N VAL A 141 -4.48 -10.27 -8.65
CA VAL A 141 -4.12 -11.66 -8.86
C VAL A 141 -3.93 -12.33 -7.51
N LYS A 142 -4.54 -13.51 -7.34
CA LYS A 142 -4.53 -14.21 -6.07
C LYS A 142 -3.08 -14.46 -5.59
N LYS A 143 -2.82 -14.15 -4.30
CA LYS A 143 -1.55 -14.35 -3.63
C LYS A 143 -0.41 -13.47 -4.14
N SER A 144 -0.73 -12.49 -5.01
CA SER A 144 0.28 -11.55 -5.52
C SER A 144 0.53 -10.37 -4.56
N GLY A 145 -0.30 -10.17 -3.56
CA GLY A 145 -0.16 -9.02 -2.67
C GLY A 145 1.02 -9.15 -1.74
N THR A 146 1.77 -8.06 -1.57
CA THR A 146 2.86 -8.01 -0.63
C THR A 146 2.77 -6.71 0.13
N PHE A 147 3.31 -6.72 1.35
CA PHE A 147 3.32 -5.58 2.24
C PHE A 147 4.64 -5.65 2.98
N ILE A 148 5.51 -4.68 2.75
CA ILE A 148 6.90 -4.70 3.18
C ILE A 148 7.25 -3.43 3.95
N GLU A 149 7.99 -3.60 5.06
CA GLU A 149 8.58 -2.49 5.80
C GLU A 149 10.02 -2.33 5.31
N ASP A 150 10.34 -1.17 4.78
CA ASP A 150 11.69 -0.89 4.31
C ASP A 150 12.58 -0.35 5.42
N HIS A 151 12.07 0.64 6.13
CA HIS A 151 12.85 1.25 7.18
C HIS A 151 11.93 1.65 8.32
N LEU A 152 12.52 1.77 9.50
CA LEU A 152 11.81 1.98 10.73
C LEU A 152 12.66 2.88 11.63
N GLY A 153 12.02 3.80 12.31
CA GLY A 153 12.61 4.62 13.37
C GLY A 153 11.70 4.61 14.58
N TRP A 154 12.22 4.50 15.81
CA TRP A 154 11.36 4.41 16.97
C TRP A 154 12.06 5.02 18.18
N LYS A 155 11.26 5.37 19.16
CA LYS A 155 11.84 5.74 20.45
C LYS A 155 10.90 5.39 21.57
N ASN A 156 11.49 5.15 22.75
CA ASN A 156 10.73 5.03 23.98
C ASN A 156 10.20 6.40 24.37
N VAL A 157 8.91 6.50 24.72
CA VAL A 157 8.34 7.79 25.09
C VAL A 157 7.75 7.68 26.49
N GLY A 158 8.07 6.61 27.21
CA GLY A 158 7.70 6.53 28.62
C GLY A 158 6.28 6.01 28.84
N ASP A 159 6.03 5.54 30.07
CA ASP A 159 4.83 4.81 30.41
C ASP A 159 4.82 3.48 29.64
N GLY A 160 5.98 3.05 29.17
CA GLY A 160 6.11 1.79 28.45
C GLY A 160 5.65 1.86 26.99
N TRP A 161 5.36 3.07 26.50
CA TRP A 161 5.01 3.26 25.10
C TRP A 161 6.25 3.43 24.23
N ILE A 162 6.10 3.01 22.96
CA ILE A 162 7.07 3.30 21.90
C ILE A 162 6.29 4.02 20.79
N ASP A 163 6.87 5.11 20.28
CA ASP A 163 6.38 5.80 19.09
C ASP A 163 7.30 5.45 17.93
N PHE A 164 6.72 5.17 16.77
CA PHE A 164 7.52 4.72 15.63
C PHE A 164 7.04 5.44 14.37
N LYS A 165 7.92 5.50 13.38
CA LYS A 165 7.59 5.88 12.02
C LYS A 165 8.22 4.83 11.13
N ALA A 166 7.50 4.40 10.07
CA ALA A 166 8.00 3.39 9.18
C ALA A 166 7.72 3.80 7.75
N ASN A 167 8.63 3.43 6.88
CA ASN A 167 8.38 3.49 5.44
C ASN A 167 8.01 2.11 4.98
N VAL A 168 6.80 1.99 4.43
CA VAL A 168 6.26 0.71 3.97
C VAL A 168 5.76 0.81 2.54
N ARG A 169 5.53 -0.35 1.95
CA ARG A 169 5.08 -0.41 0.58
C ARG A 169 4.18 -1.62 0.39
N LEU A 170 3.13 -1.41 -0.40
CA LEU A 170 2.23 -2.46 -0.81
C LEU A 170 2.45 -2.69 -2.28
N HIS A 171 2.31 -3.92 -2.71
CA HIS A 171 2.33 -4.29 -4.10
C HIS A 171 1.25 -5.31 -4.40
N GLY A 172 0.86 -5.33 -5.65
CA GLY A 172 0.01 -6.37 -6.14
C GLY A 172 -0.01 -6.39 -7.66
N ASP A 173 -0.41 -7.53 -8.24
CA ASP A 173 -0.50 -7.63 -9.67
C ASP A 173 -1.95 -7.60 -10.12
N TYR A 174 -2.15 -7.02 -11.29
CA TYR A 174 -3.47 -6.95 -11.91
C TYR A 174 -3.38 -7.50 -13.32
N TYR A 175 -4.28 -8.46 -13.63
CA TYR A 175 -4.32 -9.06 -14.94
C TYR A 175 -5.47 -8.52 -15.77
N ASN A 176 -5.15 -7.91 -16.90
CA ASN A 176 -6.14 -7.40 -17.83
C ASN A 176 -6.57 -8.53 -18.75
N SER A 177 -7.85 -8.89 -18.74
CA SER A 177 -8.30 -10.09 -19.47
C SER A 177 -8.49 -9.81 -20.96
N VAL A 178 -8.51 -8.55 -21.41
CA VAL A 178 -8.59 -8.21 -22.84
C VAL A 178 -7.20 -8.20 -23.49
N THR A 179 -6.19 -7.63 -22.84
CA THR A 179 -4.83 -7.55 -23.35
C THR A 179 -4.03 -8.78 -22.93
N GLU A 180 -4.47 -9.54 -21.91
CA GLU A 180 -3.80 -10.69 -21.34
C GLU A 180 -2.43 -10.30 -20.80
N ALA A 181 -2.33 -9.11 -20.26
CA ALA A 181 -1.10 -8.60 -19.69
C ALA A 181 -1.30 -8.36 -18.20
N THR A 182 -0.25 -8.59 -17.43
CA THR A 182 -0.20 -8.36 -16.00
C THR A 182 0.54 -7.06 -15.69
N SER A 183 -0.06 -6.23 -14.85
CA SER A 183 0.54 -4.98 -14.45
C SER A 183 0.83 -4.99 -12.96
N LYS A 184 1.79 -4.16 -12.54
CA LYS A 184 2.21 -4.08 -11.15
C LYS A 184 1.70 -2.79 -10.54
N ILE A 185 0.99 -2.86 -9.41
CA ILE A 185 0.58 -1.71 -8.65
C ILE A 185 1.47 -1.60 -7.43
N SER A 186 1.96 -0.41 -7.13
CA SER A 186 2.80 -0.20 -5.95
C SER A 186 2.24 0.99 -5.18
N VAL A 187 2.24 0.94 -3.85
CA VAL A 187 1.83 2.05 -2.99
C VAL A 187 2.90 2.25 -1.95
N TYR A 188 3.45 3.45 -1.90
CA TYR A 188 4.50 3.78 -0.92
C TYR A 188 3.90 4.72 0.10
N MET A 189 4.14 4.45 1.37
CA MET A 189 3.64 5.38 2.39
C MET A 189 4.55 5.35 3.61
N GLY A 190 4.56 6.46 4.34
CA GLY A 190 5.22 6.54 5.64
C GLY A 190 4.15 6.58 6.70
N ILE A 191 4.18 5.63 7.64
CA ILE A 191 3.18 5.50 8.68
C ILE A 191 3.78 5.88 10.02
N LYS A 192 2.90 6.30 10.93
CA LYS A 192 3.28 6.59 12.29
C LYS A 192 2.40 5.75 13.20
N GLY A 193 2.99 5.23 14.28
CA GLY A 193 2.21 4.43 15.20
C GLY A 193 2.79 4.49 16.60
N SER A 194 2.05 3.90 17.52
CA SER A 194 2.50 3.77 18.90
C SER A 194 2.20 2.37 19.37
N VAL A 195 3.10 1.78 20.18
CA VAL A 195 2.86 0.43 20.68
C VAL A 195 3.17 0.36 22.17
N HIS A 196 2.40 -0.49 22.86
CA HIS A 196 2.52 -0.73 24.30
C HIS A 196 2.60 -2.25 24.50
N VAL A 197 3.82 -2.78 24.66
CA VAL A 197 4.05 -4.20 24.64
C VAL A 197 3.31 -4.88 25.80
N ALA A 198 3.36 -4.26 26.97
CA ALA A 198 2.76 -4.86 28.15
C ALA A 198 1.25 -5.11 27.99
N THR A 199 0.52 -4.14 27.43
CA THR A 199 -0.92 -4.28 27.22
C THR A 199 -1.26 -4.76 25.80
N LYS A 200 -0.24 -4.96 24.95
CA LYS A 200 -0.38 -5.43 23.57
C LYS A 200 -1.21 -4.48 22.70
N GLU A 201 -1.07 -3.19 22.93
CA GLU A 201 -1.84 -2.21 22.20
C GLU A 201 -0.97 -1.72 21.04
N PHE A 202 -1.61 -1.60 19.85
CA PHE A 202 -0.95 -1.10 18.66
C PHE A 202 -1.87 -0.01 18.10
N ILE A 203 -1.43 1.25 18.16
CA ILE A 203 -2.20 2.38 17.66
C ILE A 203 -1.57 2.86 16.35
N MET A 204 -2.38 2.93 15.30
CA MET A 204 -1.91 3.50 14.04
C MET A 204 -2.26 4.97 14.11
N ARG A 205 -1.27 5.85 14.05
CA ARG A 205 -1.49 7.26 14.29
C ARG A 205 -1.57 8.04 12.97
N GLY A 206 -1.46 7.36 11.81
CA GLY A 206 -1.77 7.99 10.55
C GLY A 206 -0.67 7.80 9.52
N ILE A 207 -0.92 8.34 8.32
CA ILE A 207 0.02 8.26 7.22
C ILE A 207 0.62 9.65 7.06
N GLU A 208 1.94 9.81 7.15
CA GLU A 208 2.57 11.13 7.08
C GLU A 208 3.14 11.46 5.70
N THR A 209 3.51 10.45 4.90
CA THR A 209 4.02 10.70 3.57
C THR A 209 3.31 9.72 2.64
N GLY A 210 2.94 10.16 1.44
CA GLY A 210 2.14 9.31 0.59
C GLY A 210 0.70 9.34 1.05
N PRO A 211 -0.13 8.35 0.66
CA PRO A 211 0.26 7.22 -0.19
C PRO A 211 0.54 7.71 -1.59
N THR A 212 1.58 7.16 -2.18
CA THR A 212 2.03 7.41 -3.52
C THR A 212 1.90 6.12 -4.35
N VAL A 213 1.10 6.20 -5.42
CA VAL A 213 0.85 5.07 -6.29
C VAL A 213 1.78 5.10 -7.50
N TRP A 214 2.35 3.96 -7.80
CA TRP A 214 3.08 3.74 -9.05
C TRP A 214 2.38 2.64 -9.80
N TYR A 215 2.22 2.76 -11.08
CA TYR A 215 1.52 1.79 -11.90
C TYR A 215 2.45 1.40 -13.04
N ASN A 216 2.80 0.11 -13.14
CA ASN A 216 3.81 -0.35 -14.07
C ASN A 216 5.05 0.56 -14.05
N GLY A 217 5.45 0.96 -12.85
CA GLY A 217 6.73 1.63 -12.62
C GLY A 217 6.74 3.10 -13.04
N ILE A 218 5.55 3.66 -13.21
CA ILE A 218 5.35 5.07 -13.57
C ILE A 218 4.50 5.76 -12.52
N ARG A 219 4.90 6.97 -12.11
CA ARG A 219 4.17 7.78 -11.15
C ARG A 219 3.40 8.81 -11.95
N TYR A 220 2.07 8.71 -11.96
CA TYR A 220 1.20 9.63 -12.69
C TYR A 220 0.54 10.62 -11.77
N GLN A 221 0.15 11.75 -12.37
CA GLN A 221 -0.80 12.68 -11.80
C GLN A 221 -1.87 12.89 -12.85
N MET A 222 -3.02 13.47 -12.48
CA MET A 222 -3.95 13.95 -13.47
C MET A 222 -3.29 15.14 -14.20
N LYS A 223 -3.81 15.40 -15.38
CA LYS A 223 -3.34 16.48 -16.24
C LYS A 223 -3.30 17.83 -15.52
N ASP A 224 -4.25 18.05 -14.63
CA ASP A 224 -4.26 19.30 -13.88
C ASP A 224 -3.36 19.30 -12.63
N GLY A 225 -2.52 18.29 -12.45
CA GLY A 225 -1.59 18.22 -11.35
C GLY A 225 -2.12 17.55 -10.10
N THR A 226 -3.43 17.24 -10.07
CA THR A 226 -4.00 16.61 -8.89
C THR A 226 -3.69 15.12 -8.88
N SER A 227 -3.93 14.52 -7.72
CA SER A 227 -3.70 13.11 -7.49
C SER A 227 -4.58 12.26 -8.35
N ILE A 228 -4.06 11.11 -8.76
CA ILE A 228 -4.88 10.07 -9.36
C ILE A 228 -5.78 9.35 -8.36
N ILE A 229 -5.56 9.55 -7.05
CA ILE A 229 -6.32 8.88 -6.02
C ILE A 229 -7.60 9.68 -5.77
N SER A 230 -8.75 9.00 -5.82
CA SER A 230 -10.02 9.57 -5.39
C SER A 230 -10.10 9.55 -3.88
N SER A 231 -9.86 8.42 -3.26
CA SER A 231 -9.87 8.31 -1.83
C SER A 231 -9.04 7.11 -1.41
N TRP A 232 -8.64 7.10 -0.16
CA TRP A 232 -8.01 5.94 0.45
C TRP A 232 -8.37 5.87 1.91
N SER A 233 -8.23 4.69 2.47
CA SER A 233 -8.33 4.50 3.91
C SER A 233 -7.43 3.37 4.37
N PHE A 234 -7.08 3.40 5.65
CA PHE A 234 -6.23 2.40 6.29
C PHE A 234 -6.84 2.09 7.67
N ASP A 235 -8.12 1.74 7.69
CA ASP A 235 -8.83 1.48 8.93
C ASP A 235 -8.61 0.05 9.38
N GLU A 236 -8.86 -0.19 10.67
CA GLU A 236 -8.88 -1.53 11.21
C GLU A 236 -9.96 -2.36 10.53
N GLY A 237 -9.61 -3.59 10.23
CA GLY A 237 -10.55 -4.54 9.68
C GLY A 237 -9.85 -5.66 8.93
N GLN A 238 -10.68 -6.56 8.38
CA GLN A 238 -10.19 -7.61 7.53
C GLN A 238 -11.17 -7.81 6.39
N LEU A 239 -10.68 -8.36 5.29
CA LEU A 239 -11.49 -8.64 4.12
C LEU A 239 -12.29 -9.94 4.34
#